data_8RE5
#
_entry.id   8RE5
#
_cell.length_a   50.361
_cell.length_b   86.343
_cell.length_c   123.795
_cell.angle_alpha   90.00
_cell.angle_beta   90.00
_cell.angle_gamma   90.00
#
_symmetry.space_group_name_H-M   'P 21 21 21'
#
loop_
_entity.id
_entity.type
_entity.pdbx_description
1 polymer 'Aspartyl/asparaginyl beta-hydroxylase'
2 polymer 'Coagulation factor X'
3 non-polymer '2-oxidanylideneoctanedioic acid'
4 non-polymer 'MANGANESE (II) ION'
5 non-polymer 'CHLORIDE ION'
6 water water
#
loop_
_entity_poly.entity_id
_entity_poly.type
_entity_poly.pdbx_seq_one_letter_code
_entity_poly.pdbx_strand_id
1 'polypeptide(L)'
;RKTDDPEQKAKVKKKKPKLLNKFDKTIKAELDAAEKLRKRGKIEEAVNAFKELVRKYPQSPRARYGKAQCEDDLAEKRRS
NEVLRGAIETYQEVASLPDVPADLLKLSLKRRSDRQQFLGHMRGSLLTLQRLVQLFPNDTSLKNDLGVGYLLIGDNDNAK
KVYEEVLSVTPNDGFAKVHYGFILKAQNKIAESIPYLKEGIESGDPGTDDGRFYFHLGDAMQRVGNKEAYKWYELGHKRG
HFASVWQRSLYNVNGLKAQPWWTPKETGYTELVKSLERNWKLIRDEGLAVMDKAKGLFLPEDENLREKGDWSQFTLWQQG
RRNENACKGAPKTCTLLEKFPETTGCRRGQIKYSIMHPGTHVWPHTGPTNCRLRMHLGLVIPKEGCKIRCANETKTWEEG
KVLIFDDSFEHEVWQDASSFQLIFIVDVWHPELTPQQRRSLPAI
;
A
2 'polypeptide(L)' DGDQSETSPSQNQGKCKDGLGEYTCTSLEGFEGKNSELF B
#
# COMPACT_ATOMS: atom_id res chain seq x y z
N LYS A 16 3.77 -11.16 -33.45
CA LYS A 16 2.32 -10.95 -33.51
C LYS A 16 1.94 -9.48 -33.78
N PRO A 17 2.40 -8.51 -32.96
CA PRO A 17 1.96 -7.12 -33.17
C PRO A 17 2.50 -6.54 -34.48
N LYS A 18 1.68 -5.71 -35.10
CA LYS A 18 2.03 -5.01 -36.33
C LYS A 18 2.53 -3.63 -35.94
N LEU A 19 3.86 -3.46 -35.88
CA LEU A 19 4.43 -2.21 -35.44
C LEU A 19 4.91 -1.30 -36.57
N LEU A 20 4.90 -1.75 -37.83
CA LEU A 20 5.52 -1.00 -38.93
C LEU A 20 4.47 -0.43 -39.89
N ASN A 21 4.46 0.92 -40.05
CA ASN A 21 3.59 1.55 -41.04
C ASN A 21 4.23 1.39 -42.42
N LYS A 22 3.55 1.88 -43.45
CA LYS A 22 4.04 1.71 -44.83
C LYS A 22 5.49 2.14 -44.97
N PHE A 23 5.85 3.34 -44.50
CA PHE A 23 7.23 3.75 -44.71
C PHE A 23 8.19 2.91 -43.87
N ASP A 24 7.80 2.57 -42.63
CA ASP A 24 8.72 1.82 -41.79
C ASP A 24 9.08 0.49 -42.42
N LYS A 25 8.14 -0.11 -43.13
CA LYS A 25 8.45 -1.39 -43.74
C LYS A 25 9.59 -1.22 -44.75
N THR A 26 9.71 -0.04 -45.34
CA THR A 26 10.79 0.13 -46.31
C THR A 26 12.16 0.29 -45.66
N ILE A 27 12.22 0.66 -44.37
CA ILE A 27 13.49 0.80 -43.66
C ILE A 27 13.66 -0.29 -42.59
N LYS A 28 12.99 -1.43 -42.78
CA LYS A 28 13.01 -2.46 -41.75
C LYS A 28 14.42 -2.98 -41.45
N ALA A 29 15.30 -3.06 -42.46
CA ALA A 29 16.66 -3.52 -42.20
C ALA A 29 17.41 -2.60 -41.23
N GLU A 30 17.30 -1.28 -41.41
CA GLU A 30 17.94 -0.38 -40.47
C GLU A 30 17.28 -0.44 -39.09
N LEU A 31 15.94 -0.55 -39.04
CA LEU A 31 15.24 -0.65 -37.76
C LEU A 31 15.62 -1.92 -37.02
N ASP A 32 15.68 -3.05 -37.75
CA ASP A 32 16.09 -4.31 -37.13
C ASP A 32 17.52 -4.24 -36.62
N ALA A 33 18.45 -3.65 -37.39
CA ALA A 33 19.83 -3.60 -36.93
C ALA A 33 19.94 -2.88 -35.59
N ALA A 34 19.21 -1.77 -35.44
CA ALA A 34 19.26 -1.04 -34.18
C ALA A 34 18.67 -1.86 -33.04
N GLU A 35 17.54 -2.51 -33.29
CA GLU A 35 16.91 -3.29 -32.26
C GLU A 35 17.74 -4.51 -31.87
N LYS A 36 18.47 -5.12 -32.81
CA LYS A 36 19.45 -6.15 -32.45
C LYS A 36 20.43 -5.65 -31.41
N LEU A 37 20.94 -4.42 -31.59
CA LEU A 37 21.87 -3.87 -30.61
C LEU A 37 21.24 -3.78 -29.22
N ARG A 38 19.97 -3.35 -29.14
CA ARG A 38 19.33 -3.28 -27.82
C ARG A 38 19.17 -4.68 -27.23
N LYS A 39 18.77 -5.67 -28.05
CA LYS A 39 18.53 -7.00 -27.50
C LYS A 39 19.82 -7.68 -27.05
N ARG A 40 20.97 -7.33 -27.66
CA ARG A 40 22.28 -7.83 -27.23
C ARG A 40 22.81 -7.09 -26.02
N GLY A 41 22.03 -6.15 -25.45
CA GLY A 41 22.46 -5.44 -24.26
C GLY A 41 23.43 -4.33 -24.51
N LYS A 42 23.69 -4.01 -25.78
CA LYS A 42 24.57 -2.91 -26.13
C LYS A 42 23.73 -1.63 -26.17
N ILE A 43 23.34 -1.20 -24.97
CA ILE A 43 22.29 -0.17 -24.82
C ILE A 43 22.78 1.18 -25.35
N GLU A 44 24.02 1.53 -25.06
CA GLU A 44 24.57 2.81 -25.49
C GLU A 44 24.72 2.86 -27.00
N GLU A 45 25.21 1.76 -27.60
CA GLU A 45 25.26 1.71 -29.05
C GLU A 45 23.86 1.75 -29.65
N ALA A 46 22.91 1.11 -28.98
CA ALA A 46 21.55 1.07 -29.51
C ALA A 46 20.89 2.44 -29.45
N VAL A 47 21.10 3.21 -28.37
CA VAL A 47 20.48 4.54 -28.34
C VAL A 47 21.06 5.38 -29.48
N ASN A 48 22.36 5.22 -29.75
CA ASN A 48 22.95 6.01 -30.83
C ASN A 48 22.41 5.58 -32.19
N ALA A 49 22.17 4.29 -32.36
CA ALA A 49 21.64 3.81 -33.62
C ALA A 49 20.23 4.35 -33.85
N PHE A 50 19.38 4.29 -32.82
CA PHE A 50 18.01 4.79 -33.00
C PHE A 50 18.00 6.33 -33.05
N LYS A 51 18.92 7.01 -32.34
CA LYS A 51 19.00 8.46 -32.51
C LYS A 51 19.32 8.85 -33.95
N GLU A 52 20.26 8.15 -34.59
CA GLU A 52 20.51 8.38 -36.00
C GLU A 52 19.26 8.10 -36.84
N LEU A 53 18.52 7.03 -36.55
CA LEU A 53 17.32 6.74 -37.34
C LEU A 53 16.27 7.84 -37.13
N VAL A 54 16.13 8.34 -35.91
CA VAL A 54 15.17 9.44 -35.67
C VAL A 54 15.62 10.69 -36.42
N ARG A 55 16.94 10.93 -36.48
CA ARG A 55 17.43 12.10 -37.24
C ARG A 55 17.14 11.97 -38.72
N LYS A 56 17.49 10.82 -39.28
CA LYS A 56 17.30 10.59 -40.70
C LYS A 56 15.82 10.43 -41.06
N TYR A 57 15.01 9.85 -40.15
CA TYR A 57 13.61 9.49 -40.43
C TYR A 57 12.72 10.01 -39.33
N PRO A 58 12.57 11.35 -39.22
CA PRO A 58 11.93 11.92 -38.03
C PRO A 58 10.47 11.59 -37.91
N GLN A 59 9.81 11.09 -38.96
CA GLN A 59 8.41 10.74 -38.77
C GLN A 59 8.23 9.27 -38.49
N SER A 60 9.33 8.50 -38.39
CA SER A 60 9.21 7.03 -38.19
C SER A 60 8.72 6.66 -36.79
N PRO A 61 7.54 6.03 -36.66
CA PRO A 61 7.10 5.61 -35.32
C PRO A 61 7.98 4.52 -34.75
N ARG A 62 8.38 3.54 -35.57
CA ARG A 62 9.23 2.46 -35.02
C ARG A 62 10.58 2.98 -34.56
N ALA A 63 11.20 3.90 -35.33
CA ALA A 63 12.46 4.50 -34.85
C ALA A 63 12.26 5.21 -33.50
N ARG A 64 11.14 5.94 -33.37
CA ARG A 64 10.91 6.70 -32.16
C ARG A 64 10.68 5.77 -30.99
N TYR A 65 9.92 4.68 -31.22
CA TYR A 65 9.70 3.71 -30.16
C TYR A 65 11.00 3.03 -29.76
N GLY A 66 11.86 2.75 -30.74
CA GLY A 66 13.16 2.16 -30.40
C GLY A 66 13.98 3.10 -29.53
N LYS A 67 13.98 4.38 -29.84
CA LYS A 67 14.69 5.32 -29.00
C LYS A 67 14.12 5.30 -27.58
N ALA A 68 12.79 5.31 -27.46
CA ALA A 68 12.18 5.30 -26.13
C ALA A 68 12.54 4.02 -25.39
N GLN A 69 12.48 2.86 -26.08
CA GLN A 69 12.81 1.61 -25.41
C GLN A 69 14.26 1.59 -24.96
N CYS A 70 15.17 2.09 -25.77
CA CYS A 70 16.57 2.15 -25.35
C CYS A 70 16.74 3.07 -24.16
N GLU A 71 16.03 4.21 -24.14
CA GLU A 71 16.15 5.09 -22.98
C GLU A 71 15.62 4.43 -21.72
N ASP A 72 14.54 3.66 -21.88
CA ASP A 72 13.95 2.86 -20.80
C ASP A 72 14.96 1.86 -20.26
N ASP A 73 15.58 1.10 -21.16
CA ASP A 73 16.63 0.15 -20.75
C ASP A 73 17.81 0.86 -20.09
N LEU A 74 18.20 2.02 -20.62
CA LEU A 74 19.30 2.78 -20.04
C LEU A 74 18.95 3.27 -18.64
N ALA A 75 17.70 3.68 -18.43
CA ALA A 75 17.29 4.10 -17.10
C ALA A 75 17.36 2.94 -16.11
N GLU A 76 17.00 1.73 -16.55
CA GLU A 76 17.19 0.57 -15.70
C GLU A 76 18.66 0.33 -15.40
N LYS A 77 19.51 0.43 -16.43
CA LYS A 77 20.94 0.19 -16.25
C LYS A 77 21.54 1.17 -15.25
N ARG A 78 21.25 2.46 -15.42
CA ARG A 78 21.78 3.50 -14.58
C ARG A 78 20.97 3.72 -13.31
N ARG A 79 19.80 3.06 -13.18
CA ARG A 79 18.83 3.33 -12.10
C ARG A 79 18.56 4.83 -11.95
N SER A 80 18.26 5.48 -13.07
CA SER A 80 18.15 6.93 -13.15
C SER A 80 16.71 7.35 -13.43
N ASN A 81 16.09 8.07 -12.48
CA ASN A 81 14.77 8.64 -12.75
C ASN A 81 14.82 9.65 -13.90
N GLU A 82 15.91 10.41 -14.00
CA GLU A 82 15.96 11.44 -15.04
C GLU A 82 15.99 10.81 -16.42
N VAL A 83 16.76 9.72 -16.58
CA VAL A 83 16.78 9.05 -17.88
C VAL A 83 15.39 8.53 -18.21
N LEU A 84 14.68 8.03 -17.20
CA LEU A 84 13.34 7.51 -17.42
C LEU A 84 12.37 8.61 -17.81
N ARG A 85 12.50 9.81 -17.22
CA ARG A 85 11.62 10.89 -17.64
C ARG A 85 11.83 11.17 -19.12
N GLY A 86 13.06 11.02 -19.63
CA GLY A 86 13.27 11.19 -21.06
C GLY A 86 12.51 10.16 -21.85
N ALA A 87 12.55 8.90 -21.40
CA ALA A 87 11.86 7.81 -22.09
C ALA A 87 10.35 8.07 -22.11
N ILE A 88 9.82 8.55 -20.97
CA ILE A 88 8.39 8.84 -20.87
C ILE A 88 7.97 9.88 -21.90
N GLU A 89 8.82 10.89 -22.13
CA GLU A 89 8.53 11.89 -23.16
C GLU A 89 8.64 11.27 -24.54
N THR A 90 9.66 10.46 -24.81
CA THR A 90 9.74 9.86 -26.16
C THR A 90 8.56 8.93 -26.45
N TYR A 91 8.10 8.17 -25.46
CA TYR A 91 6.93 7.31 -25.72
C TYR A 91 5.74 8.13 -26.17
N GLN A 92 5.57 9.32 -25.56
CA GLN A 92 4.53 10.26 -25.99
C GLN A 92 4.77 10.75 -27.41
N GLU A 93 6.03 11.06 -27.73
CA GLU A 93 6.36 11.49 -29.08
C GLU A 93 5.91 10.46 -30.11
N VAL A 94 6.07 9.17 -29.81
CA VAL A 94 5.60 8.13 -30.75
C VAL A 94 4.18 8.41 -31.14
N ALA A 95 3.33 8.68 -30.14
CA ALA A 95 1.90 8.82 -30.38
C ALA A 95 1.55 10.10 -31.12
N SER A 96 2.46 11.07 -31.18
CA SER A 96 2.23 12.30 -31.93
C SER A 96 2.63 12.20 -33.39
N LEU A 97 3.22 11.10 -33.82
CA LEU A 97 3.71 11.06 -35.20
C LEU A 97 2.61 10.63 -36.14
N PRO A 98 2.74 10.86 -37.45
CA PRO A 98 1.66 10.44 -38.35
C PRO A 98 1.66 8.94 -38.61
N ASP A 99 0.46 8.39 -38.83
N ASP A 99 0.44 8.43 -38.86
CA ASP A 99 0.32 7.04 -39.35
CA ASP A 99 0.17 7.04 -39.21
C ASP A 99 0.79 5.94 -38.35
C ASP A 99 0.95 6.08 -38.32
N VAL A 100 0.68 6.14 -37.03
CA VAL A 100 1.22 5.16 -36.09
C VAL A 100 0.32 3.92 -36.10
N PRO A 101 0.87 2.72 -36.30
CA PRO A 101 0.01 1.53 -36.29
C PRO A 101 -0.61 1.35 -34.90
N ALA A 102 -1.86 0.87 -34.89
CA ALA A 102 -2.63 0.81 -33.64
C ALA A 102 -1.90 0.03 -32.55
N ASP A 103 -1.31 -1.11 -32.89
CA ASP A 103 -0.61 -1.93 -31.90
C ASP A 103 0.53 -1.15 -31.26
N LEU A 104 1.24 -0.34 -32.07
CA LEU A 104 2.40 0.39 -31.58
C LEU A 104 1.98 1.58 -30.72
N LEU A 105 0.89 2.23 -31.12
CA LEU A 105 0.38 3.34 -30.32
C LEU A 105 -0.03 2.84 -28.93
N LYS A 106 -0.72 1.71 -28.90
CA LYS A 106 -1.14 1.14 -27.62
C LYS A 106 0.06 0.71 -26.78
N LEU A 107 1.07 0.05 -27.38
CA LEU A 107 2.26 -0.35 -26.64
C LEU A 107 2.98 0.86 -26.04
N SER A 108 3.13 1.90 -26.83
CA SER A 108 3.92 3.04 -26.41
C SER A 108 3.23 3.80 -25.25
N LEU A 109 1.94 4.07 -25.37
CA LEU A 109 1.28 4.82 -24.32
C LEU A 109 1.09 3.95 -23.09
N LYS A 110 0.82 2.65 -23.28
CA LYS A 110 0.75 1.76 -22.11
C LYS A 110 2.05 1.78 -21.31
N ARG A 111 3.21 1.69 -21.99
CA ARG A 111 4.49 1.72 -21.27
C ARG A 111 4.73 3.08 -20.66
N ARG A 112 4.32 4.14 -21.36
CA ARG A 112 4.43 5.49 -20.78
C ARG A 112 3.73 5.56 -19.42
N SER A 113 2.45 5.14 -19.37
CA SER A 113 1.68 5.16 -18.14
C SER A 113 2.34 4.32 -17.07
N ASP A 114 2.79 3.13 -17.45
CA ASP A 114 3.43 2.23 -16.51
C ASP A 114 4.64 2.90 -15.89
N ARG A 115 5.45 3.56 -16.71
CA ARG A 115 6.66 4.20 -16.19
C ARG A 115 6.33 5.45 -15.38
N GLN A 116 5.32 6.22 -15.76
CA GLN A 116 4.83 7.32 -14.92
C GLN A 116 4.46 6.84 -13.52
N GLN A 117 3.77 5.68 -13.45
CA GLN A 117 3.42 5.12 -12.13
C GLN A 117 4.65 4.72 -11.36
N PHE A 118 5.60 4.07 -12.02
CA PHE A 118 6.86 3.72 -11.38
C PHE A 118 7.50 4.94 -10.75
N LEU A 119 7.45 6.08 -11.45
CA LEU A 119 8.02 7.31 -10.92
C LEU A 119 7.13 7.99 -9.88
N GLY A 120 5.90 7.53 -9.66
CA GLY A 120 5.03 8.26 -8.76
C GLY A 120 4.28 9.38 -9.42
N HIS A 121 4.35 9.49 -10.75
CA HIS A 121 3.63 10.51 -11.48
C HIS A 121 2.20 10.02 -11.72
N MET A 122 1.37 10.07 -10.66
CA MET A 122 0.10 9.36 -10.78
C MET A 122 -0.92 10.16 -11.57
N ARG A 123 -0.91 11.48 -11.44
CA ARG A 123 -1.75 12.33 -12.26
C ARG A 123 -1.33 12.22 -13.72
N GLY A 124 -0.01 12.16 -13.95
CA GLY A 124 0.47 11.97 -15.31
C GLY A 124 0.00 10.66 -15.89
N SER A 125 0.18 9.57 -15.15
CA SER A 125 -0.31 8.28 -15.62
C SER A 125 -1.82 8.33 -15.90
N LEU A 126 -2.58 9.01 -15.05
CA LEU A 126 -4.03 9.07 -15.26
C LEU A 126 -4.38 9.72 -16.59
N LEU A 127 -3.73 10.84 -16.93
CA LEU A 127 -3.96 11.46 -18.23
C LEU A 127 -3.63 10.50 -19.38
N THR A 128 -2.52 9.77 -19.26
CA THR A 128 -2.15 8.85 -20.32
C THR A 128 -3.21 7.74 -20.48
N LEU A 129 -3.71 7.22 -19.34
CA LEU A 129 -4.72 6.17 -19.40
C LEU A 129 -6.04 6.71 -19.95
N GLN A 130 -6.43 7.93 -19.57
CA GLN A 130 -7.64 8.51 -20.15
C GLN A 130 -7.51 8.60 -21.68
N ARG A 131 -6.33 9.01 -22.14
CA ARG A 131 -6.09 9.08 -23.59
C ARG A 131 -6.17 7.71 -24.24
N LEU A 132 -5.61 6.69 -23.60
CA LEU A 132 -5.71 5.34 -24.14
C LEU A 132 -7.17 4.91 -24.28
N VAL A 133 -8.01 5.17 -23.27
CA VAL A 133 -9.40 4.72 -23.36
C VAL A 133 -10.15 5.47 -24.46
N GLN A 134 -9.82 6.74 -24.67
CA GLN A 134 -10.43 7.53 -25.75
C GLN A 134 -10.02 6.98 -27.12
N LEU A 135 -8.79 6.51 -27.24
CA LEU A 135 -8.27 6.04 -28.53
C LEU A 135 -8.73 4.63 -28.85
N PHE A 136 -9.02 3.84 -27.82
CA PHE A 136 -9.35 2.43 -27.95
C PHE A 136 -10.62 2.16 -27.14
N PRO A 137 -11.76 2.65 -27.61
CA PRO A 137 -12.95 2.67 -26.74
C PRO A 137 -13.54 1.30 -26.50
N ASN A 138 -13.11 0.29 -27.25
CA ASN A 138 -13.61 -1.07 -27.05
C ASN A 138 -12.66 -1.95 -26.27
N ASP A 139 -11.50 -1.44 -25.86
CA ASP A 139 -10.53 -2.26 -25.17
C ASP A 139 -10.87 -2.20 -23.67
N THR A 140 -11.40 -3.30 -23.16
CA THR A 140 -11.85 -3.34 -21.77
C THR A 140 -10.68 -3.31 -20.80
N SER A 141 -9.59 -4.00 -21.14
CA SER A 141 -8.42 -4.02 -20.25
C SER A 141 -7.88 -2.61 -20.04
N LEU A 142 -8.04 -1.72 -21.02
CA LEU A 142 -7.56 -0.36 -20.82
C LEU A 142 -8.44 0.39 -19.82
N LYS A 143 -9.76 0.16 -19.85
CA LYS A 143 -10.61 0.72 -18.81
C LYS A 143 -10.24 0.15 -17.45
N ASN A 144 -10.00 -1.17 -17.35
CA ASN A 144 -9.54 -1.73 -16.08
C ASN A 144 -8.26 -1.03 -15.59
N ASP A 145 -7.32 -0.79 -16.52
CA ASP A 145 -6.08 -0.11 -16.15
C ASP A 145 -6.35 1.33 -15.70
N LEU A 146 -7.30 2.00 -16.35
CA LEU A 146 -7.66 3.34 -15.93
C LEU A 146 -8.23 3.31 -14.51
N GLY A 147 -9.03 2.29 -14.20
CA GLY A 147 -9.56 2.15 -12.84
C GLY A 147 -8.44 2.05 -11.82
N VAL A 148 -7.38 1.29 -12.13
CA VAL A 148 -6.22 1.20 -11.24
C VAL A 148 -5.55 2.55 -11.10
N GLY A 149 -5.43 3.29 -12.21
CA GLY A 149 -4.96 4.66 -12.15
C GLY A 149 -5.68 5.50 -11.10
N TYR A 150 -7.03 5.46 -11.12
CA TYR A 150 -7.80 6.22 -10.12
C TYR A 150 -7.56 5.70 -8.72
N LEU A 151 -7.48 4.38 -8.55
CA LEU A 151 -7.26 3.80 -7.22
C LEU A 151 -5.91 4.22 -6.65
N LEU A 152 -4.89 4.29 -7.51
CA LEU A 152 -3.54 4.66 -7.06
C LEU A 152 -3.46 6.10 -6.58
N ILE A 153 -4.32 6.99 -7.08
CA ILE A 153 -4.35 8.37 -6.57
C ILE A 153 -5.40 8.58 -5.50
N GLY A 154 -6.05 7.52 -5.03
CA GLY A 154 -7.07 7.64 -3.99
C GLY A 154 -8.45 8.08 -4.45
N ASP A 155 -8.71 8.15 -5.77
CA ASP A 155 -10.02 8.59 -6.29
C ASP A 155 -10.91 7.36 -6.48
N ASN A 156 -11.45 6.88 -5.35
CA ASN A 156 -12.28 5.67 -5.35
C ASN A 156 -13.61 5.91 -6.03
N ASP A 157 -14.12 7.15 -6.02
CA ASP A 157 -15.39 7.45 -6.69
C ASP A 157 -15.26 7.30 -8.21
N ASN A 158 -14.19 7.85 -8.78
CA ASN A 158 -14.02 7.68 -10.22
C ASN A 158 -13.64 6.24 -10.55
N ALA A 159 -12.80 5.58 -9.73
CA ALA A 159 -12.51 4.17 -9.98
C ALA A 159 -13.80 3.36 -10.00
N LYS A 160 -14.74 3.65 -9.07
CA LYS A 160 -15.99 2.88 -9.03
C LYS A 160 -16.79 3.08 -10.31
N LYS A 161 -16.88 4.32 -10.81
CA LYS A 161 -17.60 4.56 -12.05
C LYS A 161 -16.96 3.78 -13.20
N VAL A 162 -15.62 3.68 -13.21
CA VAL A 162 -14.95 2.94 -14.30
C VAL A 162 -15.32 1.47 -14.26
N TYR A 163 -15.26 0.83 -13.08
CA TYR A 163 -15.54 -0.60 -13.04
C TYR A 163 -17.02 -0.87 -13.27
N GLU A 164 -17.90 0.07 -12.87
CA GLU A 164 -19.32 -0.07 -13.22
C GLU A 164 -19.51 -0.08 -14.74
N GLU A 165 -18.82 0.82 -15.44
CA GLU A 165 -18.91 0.80 -16.90
C GLU A 165 -18.41 -0.50 -17.48
N VAL A 166 -17.27 -1.01 -16.99
CA VAL A 166 -16.74 -2.27 -17.51
C VAL A 166 -17.73 -3.40 -17.27
N LEU A 167 -18.27 -3.49 -16.04
CA LEU A 167 -19.19 -4.58 -15.68
C LEU A 167 -20.49 -4.51 -16.45
N SER A 168 -20.94 -3.33 -16.85
CA SER A 168 -22.18 -3.25 -17.62
C SER A 168 -22.01 -3.78 -19.04
N VAL A 169 -20.79 -3.85 -19.55
CA VAL A 169 -20.50 -4.43 -20.88
C VAL A 169 -20.07 -5.87 -20.79
N THR A 170 -19.24 -6.17 -19.80
N THR A 170 -19.14 -6.16 -19.88
CA THR A 170 -18.61 -7.48 -19.64
CA THR A 170 -18.63 -7.52 -19.66
C THR A 170 -18.83 -7.88 -18.18
C THR A 170 -18.85 -7.83 -18.19
N PRO A 171 -20.03 -8.34 -17.82
CA PRO A 171 -20.34 -8.53 -16.39
C PRO A 171 -19.52 -9.59 -15.71
N ASN A 172 -18.85 -10.50 -16.45
CA ASN A 172 -18.08 -11.54 -15.81
C ASN A 172 -16.57 -11.29 -15.86
N ASP A 173 -16.15 -10.07 -16.18
N ASP A 173 -16.15 -10.07 -16.18
CA ASP A 173 -14.74 -9.69 -16.10
CA ASP A 173 -14.75 -9.68 -16.08
C ASP A 173 -14.27 -9.79 -14.64
C ASP A 173 -14.27 -9.77 -14.64
N GLY A 174 -13.40 -10.74 -14.34
CA GLY A 174 -13.01 -10.96 -12.95
C GLY A 174 -12.13 -9.87 -12.38
N PHE A 175 -11.29 -9.26 -13.22
CA PHE A 175 -10.48 -8.13 -12.76
C PHE A 175 -11.36 -6.99 -12.32
N ALA A 176 -12.37 -6.68 -13.14
CA ALA A 176 -13.32 -5.64 -12.76
C ALA A 176 -14.07 -6.01 -11.48
N LYS A 177 -14.54 -7.27 -11.37
CA LYS A 177 -15.25 -7.68 -10.15
C LYS A 177 -14.39 -7.53 -8.91
N VAL A 178 -13.14 -8.02 -8.93
CA VAL A 178 -12.36 -7.93 -7.67
C VAL A 178 -12.07 -6.47 -7.32
N HIS A 179 -11.83 -5.64 -8.32
CA HIS A 179 -11.59 -4.22 -8.01
C HIS A 179 -12.87 -3.53 -7.56
N TYR A 180 -14.01 -3.84 -8.21
CA TYR A 180 -15.28 -3.30 -7.74
C TYR A 180 -15.55 -3.76 -6.31
N GLY A 181 -15.30 -5.04 -6.06
CA GLY A 181 -15.49 -5.55 -4.70
C GLY A 181 -14.60 -4.83 -3.70
N PHE A 182 -13.33 -4.60 -4.08
CA PHE A 182 -12.41 -3.88 -3.20
C PHE A 182 -12.96 -2.50 -2.85
N ILE A 183 -13.53 -1.80 -3.84
CA ILE A 183 -14.04 -0.45 -3.62
C ILE A 183 -15.26 -0.48 -2.70
N LEU A 184 -16.22 -1.39 -2.96
CA LEU A 184 -17.40 -1.50 -2.10
C LEU A 184 -16.98 -1.76 -0.66
N LYS A 185 -16.03 -2.66 -0.48
CA LYS A 185 -15.58 -3.00 0.88
C LYS A 185 -14.96 -1.80 1.55
N ALA A 186 -14.11 -1.07 0.83
CA ALA A 186 -13.53 0.14 1.38
C ALA A 186 -14.61 1.16 1.74
N GLN A 187 -15.78 1.14 1.09
CA GLN A 187 -16.86 2.06 1.42
C GLN A 187 -17.76 1.55 2.53
N ASN A 188 -17.40 0.42 3.11
CA ASN A 188 -18.16 -0.25 4.17
C ASN A 188 -19.47 -0.83 3.64
N LYS A 189 -19.52 -1.11 2.32
CA LYS A 189 -20.60 -1.91 1.75
C LYS A 189 -20.17 -3.38 1.80
N ILE A 190 -20.17 -3.93 3.01
CA ILE A 190 -19.46 -5.19 3.26
C ILE A 190 -20.18 -6.35 2.59
N ALA A 191 -21.48 -6.49 2.89
CA ALA A 191 -22.22 -7.60 2.30
C ALA A 191 -22.22 -7.50 0.77
N GLU A 192 -22.43 -6.30 0.24
CA GLU A 192 -22.38 -6.15 -1.22
C GLU A 192 -21.04 -6.56 -1.82
N SER A 193 -19.91 -6.37 -1.09
CA SER A 193 -18.61 -6.60 -1.68
C SER A 193 -18.28 -8.06 -1.80
N ILE A 194 -18.92 -8.91 -1.01
CA ILE A 194 -18.47 -10.29 -0.90
C ILE A 194 -18.62 -11.02 -2.23
N PRO A 195 -19.78 -11.00 -2.89
CA PRO A 195 -19.88 -11.79 -4.14
C PRO A 195 -18.94 -11.29 -5.23
N TYR A 196 -18.67 -9.97 -5.30
CA TYR A 196 -17.74 -9.47 -6.32
C TYR A 196 -16.33 -9.97 -6.03
N LEU A 197 -15.87 -9.84 -4.76
CA LEU A 197 -14.53 -10.34 -4.44
C LEU A 197 -14.44 -11.84 -4.66
N LYS A 198 -15.48 -12.58 -4.27
CA LYS A 198 -15.44 -14.04 -4.35
C LYS A 198 -15.45 -14.51 -5.81
N GLU A 199 -16.45 -14.06 -6.59
CA GLU A 199 -16.52 -14.41 -8.02
C GLU A 199 -15.28 -13.95 -8.78
N GLY A 200 -14.78 -12.75 -8.46
CA GLY A 200 -13.57 -12.29 -9.12
C GLY A 200 -12.36 -13.18 -8.86
N ILE A 201 -12.10 -13.54 -7.60
CA ILE A 201 -10.99 -14.45 -7.32
C ILE A 201 -11.23 -15.80 -8.01
N GLU A 202 -12.47 -16.28 -7.97
CA GLU A 202 -12.78 -17.55 -8.60
C GLU A 202 -12.61 -17.53 -10.11
N SER A 203 -12.76 -16.36 -10.76
CA SER A 203 -12.55 -16.31 -12.22
C SER A 203 -11.14 -16.77 -12.62
N GLY A 204 -10.17 -16.66 -11.73
CA GLY A 204 -8.80 -16.83 -12.15
C GLY A 204 -8.31 -15.87 -13.22
N ASP A 205 -9.04 -14.80 -13.50
CA ASP A 205 -8.60 -13.90 -14.54
C ASP A 205 -7.26 -13.28 -14.13
N PRO A 206 -6.40 -12.95 -15.09
CA PRO A 206 -5.13 -12.27 -14.78
C PRO A 206 -5.35 -11.03 -13.93
N GLY A 207 -4.51 -10.90 -12.91
CA GLY A 207 -4.66 -9.78 -12.02
C GLY A 207 -5.55 -10.06 -10.82
N THR A 208 -6.27 -11.19 -10.79
CA THR A 208 -7.16 -11.42 -9.64
C THR A 208 -6.49 -12.21 -8.53
N ASP A 209 -5.35 -12.87 -8.81
CA ASP A 209 -4.65 -13.69 -7.81
C ASP A 209 -3.73 -12.81 -6.98
N ASP A 210 -4.37 -12.03 -6.08
CA ASP A 210 -3.73 -10.89 -5.43
C ASP A 210 -4.12 -10.94 -3.95
N GLY A 211 -3.11 -10.86 -3.07
CA GLY A 211 -3.37 -10.95 -1.64
C GLY A 211 -4.35 -9.90 -1.11
N ARG A 212 -4.41 -8.73 -1.76
CA ARG A 212 -5.35 -7.72 -1.33
C ARG A 212 -6.78 -8.23 -1.38
N PHE A 213 -7.12 -9.01 -2.40
CA PHE A 213 -8.50 -9.44 -2.55
C PHE A 213 -8.84 -10.61 -1.63
N TYR A 214 -7.89 -11.51 -1.42
CA TYR A 214 -8.07 -12.55 -0.39
C TYR A 214 -8.22 -11.94 0.99
N PHE A 215 -7.38 -10.95 1.27
CA PHE A 215 -7.40 -10.28 2.58
C PHE A 215 -8.77 -9.69 2.87
N HIS A 216 -9.29 -8.91 1.93
CA HIS A 216 -10.52 -8.19 2.15
C HIS A 216 -11.75 -9.07 1.99
N LEU A 217 -11.71 -10.13 1.16
CA LEU A 217 -12.86 -11.04 1.13
C LEU A 217 -13.00 -11.76 2.47
N GLY A 218 -11.90 -12.34 2.96
CA GLY A 218 -11.91 -12.93 4.29
C GLY A 218 -12.40 -11.98 5.37
N ASP A 219 -11.95 -10.72 5.33
CA ASP A 219 -12.32 -9.77 6.35
C ASP A 219 -13.80 -9.39 6.24
N ALA A 220 -14.30 -9.18 4.99
CA ALA A 220 -15.73 -8.90 4.83
C ALA A 220 -16.55 -10.06 5.35
N MET A 221 -16.09 -11.29 5.07
CA MET A 221 -16.77 -12.47 5.61
C MET A 221 -16.78 -12.46 7.13
N GLN A 222 -15.64 -12.16 7.77
CA GLN A 222 -15.63 -12.15 9.23
C GLN A 222 -16.63 -11.15 9.78
N ARG A 223 -16.74 -9.99 9.14
CA ARG A 223 -17.59 -8.93 9.65
C ARG A 223 -19.05 -9.34 9.59
N VAL A 224 -19.44 -10.12 8.58
CA VAL A 224 -20.85 -10.52 8.46
C VAL A 224 -21.11 -11.85 9.12
N GLY A 225 -20.11 -12.48 9.74
CA GLY A 225 -20.32 -13.73 10.45
C GLY A 225 -20.29 -14.97 9.58
N ASN A 226 -19.66 -14.90 8.42
CA ASN A 226 -19.58 -16.01 7.49
C ASN A 226 -18.36 -16.84 7.84
N LYS A 227 -18.60 -18.08 8.24
CA LYS A 227 -17.50 -18.90 8.72
C LYS A 227 -16.62 -19.43 7.59
N GLU A 228 -16.97 -19.18 6.34
CA GLU A 228 -16.06 -19.53 5.25
C GLU A 228 -14.78 -18.69 5.22
N ALA A 229 -14.69 -17.64 6.04
CA ALA A 229 -13.57 -16.70 5.96
C ALA A 229 -12.23 -17.43 5.99
N TYR A 230 -12.02 -18.32 6.95
CA TYR A 230 -10.68 -18.90 7.11
C TYR A 230 -10.32 -19.89 6.01
N LYS A 231 -11.32 -20.41 5.27
CA LYS A 231 -10.99 -21.20 4.09
C LYS A 231 -10.31 -20.32 3.04
N TRP A 232 -10.74 -19.08 2.92
CA TRP A 232 -10.09 -18.17 1.98
C TRP A 232 -8.70 -17.75 2.49
N TYR A 233 -8.57 -17.51 3.79
CA TYR A 233 -7.24 -17.26 4.36
C TYR A 233 -6.34 -18.45 4.12
N GLU A 234 -6.85 -19.67 4.30
CA GLU A 234 -6.02 -20.85 4.04
C GLU A 234 -5.59 -20.91 2.58
N LEU A 235 -6.52 -20.64 1.66
CA LEU A 235 -6.17 -20.64 0.24
C LEU A 235 -5.19 -19.52 -0.09
N GLY A 236 -5.40 -18.33 0.50
CA GLY A 236 -4.46 -17.25 0.29
C GLY A 236 -3.05 -17.60 0.76
N HIS A 237 -2.95 -18.31 1.90
CA HIS A 237 -1.65 -18.80 2.37
C HIS A 237 -1.06 -19.82 1.41
N LYS A 238 -1.87 -20.77 0.96
CA LYS A 238 -1.37 -21.76 0.00
C LYS A 238 -0.87 -21.09 -1.27
N ARG A 239 -1.54 -20.03 -1.70
CA ARG A 239 -1.10 -19.35 -2.92
C ARG A 239 0.06 -18.36 -2.67
N GLY A 240 0.64 -18.29 -1.47
CA GLY A 240 1.82 -17.46 -1.26
C GLY A 240 1.55 -16.01 -0.85
N HIS A 241 0.30 -15.67 -0.57
CA HIS A 241 -0.04 -14.29 -0.25
C HIS A 241 0.15 -13.92 1.21
N PHE A 242 0.09 -14.90 2.11
CA PHE A 242 0.13 -14.66 3.56
C PHE A 242 1.17 -15.58 4.18
N ALA A 243 1.93 -15.06 5.16
CA ALA A 243 2.89 -15.91 5.86
C ALA A 243 2.19 -17.07 6.57
N SER A 244 0.99 -16.84 7.11
CA SER A 244 0.14 -17.87 7.70
C SER A 244 -1.30 -17.39 7.64
N VAL A 245 -2.23 -18.23 8.10
CA VAL A 245 -3.61 -17.80 8.07
C VAL A 245 -3.85 -16.74 9.13
N TRP A 246 -2.99 -16.69 10.17
CA TRP A 246 -3.13 -15.73 11.25
C TRP A 246 -2.44 -14.39 10.95
N GLN A 247 -1.29 -14.44 10.29
CA GLN A 247 -0.46 -13.28 9.98
C GLN A 247 -0.61 -12.90 8.52
N ARG A 248 -1.45 -11.88 8.25
CA ARG A 248 -1.93 -11.63 6.88
C ARG A 248 -1.44 -10.30 6.36
N SER A 249 -0.39 -9.72 6.97
CA SER A 249 0.15 -8.49 6.42
C SER A 249 0.71 -8.71 5.03
N LEU A 250 0.69 -7.65 4.25
CA LEU A 250 1.04 -7.75 2.83
C LEU A 250 2.33 -7.04 2.47
N TYR A 251 2.92 -6.23 3.35
CA TYR A 251 4.19 -5.57 3.08
C TYR A 251 5.22 -6.21 4.03
N ASN A 252 5.79 -7.34 3.61
CA ASN A 252 6.60 -8.15 4.52
C ASN A 252 8.07 -8.20 4.11
N VAL A 253 8.90 -8.54 5.11
CA VAL A 253 10.25 -9.08 4.90
C VAL A 253 10.20 -10.56 5.29
N ASN A 254 10.49 -11.44 4.33
CA ASN A 254 10.33 -12.85 4.61
C ASN A 254 11.31 -13.29 5.69
N GLY A 255 10.86 -14.19 6.56
CA GLY A 255 11.75 -14.89 7.46
C GLY A 255 11.85 -14.28 8.84
N LEU A 256 11.32 -13.08 9.06
CA LEU A 256 11.34 -12.47 10.40
C LEU A 256 10.56 -13.34 11.38
N LYS A 257 11.09 -13.47 12.61
CA LYS A 257 10.45 -14.28 13.63
C LYS A 257 9.00 -13.89 13.81
N ALA A 258 8.11 -14.88 13.77
CA ALA A 258 6.66 -14.65 13.76
C ALA A 258 6.01 -15.22 15.01
N GLN A 259 5.56 -14.35 15.91
CA GLN A 259 4.77 -14.82 17.04
C GLN A 259 3.88 -13.67 17.50
N PRO A 260 2.67 -13.95 17.98
CA PRO A 260 1.70 -12.87 18.21
C PRO A 260 2.09 -12.02 19.43
N TRP A 261 2.69 -12.62 20.46
CA TRP A 261 3.02 -11.91 21.70
C TRP A 261 4.55 -11.98 21.91
N TRP A 262 5.16 -10.87 22.38
CA TRP A 262 6.59 -10.78 22.64
C TRP A 262 6.85 -10.28 24.05
N THR A 263 7.93 -10.78 24.69
CA THR A 263 8.40 -10.16 25.92
C THR A 263 9.43 -9.07 25.61
N PRO A 264 9.61 -8.10 26.50
CA PRO A 264 10.72 -7.15 26.32
C PRO A 264 12.06 -7.81 25.98
N LYS A 265 12.47 -8.84 26.72
CA LYS A 265 13.75 -9.50 26.47
C LYS A 265 13.81 -10.12 25.10
N GLU A 266 12.70 -10.72 24.64
CA GLU A 266 12.70 -11.28 23.30
C GLU A 266 12.94 -10.20 22.27
N THR A 267 12.42 -8.98 22.49
CA THR A 267 12.63 -7.93 21.51
C THR A 267 14.03 -7.36 21.56
N GLY A 268 14.72 -7.48 22.72
CA GLY A 268 15.97 -6.79 22.91
C GLY A 268 15.84 -5.31 23.24
N TYR A 269 14.64 -4.74 23.18
CA TYR A 269 14.50 -3.31 23.46
C TYR A 269 14.18 -3.09 24.92
N THR A 270 15.03 -3.67 25.78
CA THR A 270 14.76 -3.59 27.21
C THR A 270 15.02 -2.20 27.74
N GLU A 271 15.93 -1.42 27.14
CA GLU A 271 16.16 -0.06 27.64
C GLU A 271 14.96 0.85 27.36
N LEU A 272 14.39 0.73 26.16
CA LEU A 272 13.16 1.46 25.84
C LEU A 272 12.04 1.05 26.80
N VAL A 273 11.85 -0.25 27.01
CA VAL A 273 10.78 -0.67 27.90
C VAL A 273 11.03 -0.15 29.32
N LYS A 274 12.29 -0.21 29.81
CA LYS A 274 12.51 0.30 31.16
C LYS A 274 12.20 1.78 31.24
N SER A 275 12.54 2.53 30.17
CA SER A 275 12.27 3.97 30.21
C SER A 275 10.76 4.24 30.22
N LEU A 276 10.01 3.53 29.36
CA LEU A 276 8.55 3.71 29.39
C LEU A 276 7.99 3.41 30.77
N GLU A 277 8.46 2.32 31.41
CA GLU A 277 7.83 1.91 32.69
C GLU A 277 8.31 2.78 33.85
N ARG A 278 9.55 3.25 33.84
CA ARG A 278 10.00 4.14 34.90
C ARG A 278 9.31 5.48 34.82
N ASN A 279 9.03 5.93 33.60
CA ASN A 279 8.56 7.30 33.39
C ASN A 279 7.10 7.33 32.95
N TRP A 280 6.32 6.26 33.21
CA TRP A 280 4.96 6.20 32.62
C TRP A 280 4.03 7.28 33.13
N LYS A 281 4.24 7.79 34.35
CA LYS A 281 3.29 8.79 34.87
C LYS A 281 3.42 10.10 34.11
N LEU A 282 4.63 10.49 33.68
CA LEU A 282 4.72 11.73 32.92
C LEU A 282 4.00 11.60 31.59
N ILE A 283 4.08 10.41 30.96
CA ILE A 283 3.47 10.15 29.68
C ILE A 283 1.95 10.19 29.85
N ARG A 284 1.47 9.53 30.92
CA ARG A 284 0.06 9.62 31.29
C ARG A 284 -0.37 11.06 31.49
N ASP A 285 0.35 11.81 32.33
CA ASP A 285 -0.12 13.16 32.64
C ASP A 285 -0.16 14.05 31.41
N GLU A 286 0.79 13.93 30.49
CA GLU A 286 0.68 14.76 29.28
C GLU A 286 -0.51 14.33 28.44
N GLY A 287 -0.79 13.02 28.37
CA GLY A 287 -1.99 12.58 27.62
C GLY A 287 -3.28 13.11 28.25
N LEU A 288 -3.40 13.04 29.60
CA LEU A 288 -4.59 13.57 30.25
C LEU A 288 -4.72 15.07 30.06
N ALA A 289 -3.59 15.81 30.07
CA ALA A 289 -3.69 17.26 29.84
C ALA A 289 -4.22 17.55 28.45
N VAL A 290 -3.78 16.78 27.43
CA VAL A 290 -4.39 16.96 26.11
C VAL A 290 -5.88 16.60 26.14
N MET A 291 -6.22 15.47 26.75
CA MET A 291 -7.64 15.14 26.93
C MET A 291 -8.44 16.28 27.53
N ASP A 292 -7.87 16.98 28.53
CA ASP A 292 -8.62 17.96 29.28
C ASP A 292 -8.62 19.32 28.60
N LYS A 293 -7.52 19.70 27.97
CA LYS A 293 -7.31 21.06 27.52
C LYS A 293 -7.16 21.17 26.00
N ALA A 294 -6.94 20.06 25.29
CA ALA A 294 -6.67 20.12 23.87
C ALA A 294 -7.20 18.88 23.15
N LYS A 295 -8.46 18.48 23.47
CA LYS A 295 -8.90 17.12 23.11
C LYS A 295 -9.07 16.95 21.62
N GLY A 296 -9.19 18.03 20.85
CA GLY A 296 -9.24 17.87 19.41
C GLY A 296 -7.95 17.44 18.74
N LEU A 297 -6.83 17.41 19.48
CA LEU A 297 -5.62 16.74 18.97
C LEU A 297 -5.82 15.22 18.83
N PHE A 298 -6.81 14.67 19.54
CA PHE A 298 -7.17 13.25 19.34
C PHE A 298 -8.11 13.14 18.15
N LEU A 299 -7.67 12.42 17.12
CA LEU A 299 -8.40 12.29 15.87
C LEU A 299 -9.07 10.92 15.85
N PRO A 300 -10.29 10.85 15.37
CA PRO A 300 -11.01 9.58 15.28
C PRO A 300 -10.29 8.58 14.41
N GLU A 301 -10.24 7.34 14.89
CA GLU A 301 -9.73 6.26 14.06
C GLU A 301 -10.46 6.24 12.72
N ASP A 302 -9.70 6.14 11.60
CA ASP A 302 -10.33 6.41 10.30
C ASP A 302 -10.02 5.35 9.26
N GLU A 303 -9.90 4.10 9.69
CA GLU A 303 -9.62 2.98 8.78
C GLU A 303 -10.72 1.93 8.81
N ASN A 304 -11.91 2.36 9.22
CA ASN A 304 -13.10 1.49 9.27
C ASN A 304 -12.84 0.24 10.13
N LEU A 305 -12.10 0.40 11.24
CA LEU A 305 -11.80 -0.78 12.03
C LEU A 305 -12.78 -1.02 13.17
N ARG A 306 -13.77 -0.14 13.40
CA ARG A 306 -14.70 -0.32 14.51
C ARG A 306 -16.05 -0.89 14.05
N GLU A 307 -16.55 -1.88 14.79
CA GLU A 307 -17.97 -2.21 14.70
C GLU A 307 -18.81 -1.11 15.33
N LYS A 308 -18.36 -0.57 16.46
CA LYS A 308 -19.09 0.41 17.23
C LYS A 308 -18.16 1.03 18.23
N GLY A 309 -18.56 2.20 18.73
CA GLY A 309 -17.86 2.82 19.84
C GLY A 309 -16.98 3.97 19.38
N ASP A 310 -16.31 4.58 20.36
CA ASP A 310 -15.49 5.78 20.14
C ASP A 310 -14.02 5.47 20.44
N TRP A 311 -13.15 5.80 19.49
CA TRP A 311 -11.72 5.49 19.57
C TRP A 311 -11.01 6.61 18.84
N SER A 312 -10.07 7.29 19.47
CA SER A 312 -9.33 8.38 18.81
C SER A 312 -7.86 8.28 19.18
N GLN A 313 -6.99 8.85 18.35
CA GLN A 313 -5.54 8.72 18.54
C GLN A 313 -4.87 10.08 18.31
N PHE A 314 -3.82 10.33 19.09
CA PHE A 314 -3.08 11.58 19.05
C PHE A 314 -1.64 11.20 18.71
N THR A 315 -1.21 11.52 17.49
CA THR A 315 0.03 10.93 16.96
C THR A 315 1.23 11.86 17.10
N LEU A 316 2.31 11.36 17.70
CA LEU A 316 3.55 12.13 17.90
C LEU A 316 4.55 11.90 16.78
N TRP A 317 4.67 10.64 16.31
CA TRP A 317 5.56 10.29 15.19
C TRP A 317 4.77 9.45 14.23
N GLN A 318 4.98 9.66 12.91
CA GLN A 318 4.45 8.69 11.97
C GLN A 318 5.47 8.60 10.85
N GLN A 319 5.57 7.42 10.24
CA GLN A 319 6.58 7.18 9.18
C GLN A 319 7.98 7.65 9.58
N GLY A 320 8.29 7.54 10.89
CA GLY A 320 9.60 7.97 11.34
C GLY A 320 9.82 9.47 11.40
N ARG A 321 8.75 10.27 11.35
CA ARG A 321 8.83 11.72 11.29
C ARG A 321 8.10 12.34 12.49
N ARG A 322 8.81 13.17 13.26
CA ARG A 322 8.22 13.84 14.41
C ARG A 322 7.21 14.90 13.99
N ASN A 323 6.02 14.92 14.62
CA ASN A 323 5.03 15.96 14.36
C ASN A 323 5.33 17.08 15.35
N GLU A 324 5.92 18.18 14.86
CA GLU A 324 6.38 19.20 15.81
C GLU A 324 5.23 19.82 16.58
N ASN A 325 4.10 20.07 15.90
CA ASN A 325 2.98 20.67 16.61
C ASN A 325 2.42 19.71 17.67
N ALA A 326 2.35 18.43 17.36
CA ALA A 326 1.86 17.46 18.36
C ALA A 326 2.81 17.41 19.56
N CYS A 327 4.11 17.45 19.30
CA CYS A 327 5.07 17.37 20.40
C CYS A 327 5.06 18.62 21.28
N LYS A 328 4.55 19.76 20.76
CA LYS A 328 4.24 20.89 21.64
C LYS A 328 3.27 20.50 22.73
N GLY A 329 2.38 19.56 22.43
CA GLY A 329 1.36 19.13 23.37
C GLY A 329 1.78 18.03 24.32
N ALA A 330 2.93 17.39 24.08
CA ALA A 330 3.46 16.35 24.96
C ALA A 330 4.98 16.47 24.93
N PRO A 331 5.49 17.64 25.35
CA PRO A 331 6.93 17.93 25.10
C PRO A 331 7.84 17.00 25.87
N LYS A 332 7.47 16.61 27.09
CA LYS A 332 8.41 15.80 27.87
C LYS A 332 8.42 14.37 27.35
N THR A 333 7.23 13.88 26.92
CA THR A 333 7.17 12.57 26.30
C THR A 333 7.99 12.53 25.03
N CYS A 334 7.93 13.58 24.23
CA CYS A 334 8.70 13.58 22.98
C CYS A 334 10.18 13.65 23.27
N THR A 335 10.55 14.40 24.30
CA THR A 335 11.96 14.48 24.71
C THR A 335 12.46 13.12 25.16
N LEU A 336 11.64 12.40 25.93
CA LEU A 336 12.03 11.07 26.41
C LEU A 336 12.23 10.13 25.24
N LEU A 337 11.26 10.09 24.32
CA LEU A 337 11.28 9.10 23.24
C LEU A 337 12.40 9.35 22.21
N GLU A 338 12.89 10.58 22.11
CA GLU A 338 13.87 10.88 21.07
C GLU A 338 15.21 10.19 21.33
N LYS A 339 15.43 9.69 22.56
CA LYS A 339 16.58 8.84 22.89
C LYS A 339 16.53 7.47 22.22
N PHE A 340 15.42 7.09 21.55
CA PHE A 340 15.20 5.70 21.13
C PHE A 340 14.88 5.63 19.64
N PRO A 341 15.90 5.68 18.80
CA PRO A 341 15.64 5.60 17.34
C PRO A 341 15.02 4.28 16.89
N GLU A 342 15.06 3.22 17.68
CA GLU A 342 14.38 1.99 17.30
C GLU A 342 12.88 2.20 17.17
N THR A 343 12.36 3.20 17.86
CA THR A 343 10.97 3.61 17.60
C THR A 343 10.87 4.91 16.80
N THR A 344 11.63 5.98 17.12
CA THR A 344 11.43 7.24 16.40
C THR A 344 11.81 7.13 14.93
N GLY A 345 12.71 6.21 14.59
CA GLY A 345 13.09 5.97 13.22
C GLY A 345 12.37 4.81 12.59
N CYS A 346 11.33 4.27 13.25
CA CYS A 346 10.54 3.19 12.66
C CYS A 346 9.61 3.81 11.62
N ARG A 347 10.04 3.75 10.35
CA ARG A 347 9.26 4.39 9.29
C ARG A 347 8.06 3.54 8.85
N ARG A 348 7.90 2.36 9.45
CA ARG A 348 6.71 1.56 9.25
C ARG A 348 5.85 1.50 10.51
N GLY A 349 5.89 2.54 11.35
CA GLY A 349 5.06 2.49 12.54
C GLY A 349 4.85 3.90 13.05
N GLN A 350 4.12 4.00 14.18
CA GLN A 350 3.80 5.30 14.77
C GLN A 350 4.19 5.32 16.25
N ILE A 351 4.17 6.51 16.83
CA ILE A 351 4.17 6.69 18.27
C ILE A 351 2.95 7.56 18.55
N LYS A 352 2.01 7.06 19.37
CA LYS A 352 0.74 7.80 19.50
C LYS A 352 0.02 7.40 20.77
N TYR A 353 -0.70 8.37 21.32
CA TYR A 353 -1.67 8.06 22.38
C TYR A 353 -2.96 7.54 21.74
N SER A 354 -3.64 6.68 22.47
CA SER A 354 -4.91 6.13 21.98
C SER A 354 -5.93 6.17 23.12
N ILE A 355 -7.11 6.71 22.87
N ILE A 355 -7.10 6.73 22.87
CA ILE A 355 -8.19 6.70 23.87
CA ILE A 355 -8.22 6.71 23.82
C ILE A 355 -9.36 5.91 23.30
C ILE A 355 -9.29 5.80 23.24
N MET A 356 -9.87 4.96 24.10
CA MET A 356 -11.00 4.13 23.69
C MET A 356 -12.04 4.12 24.80
N HIS A 357 -13.30 4.28 24.45
CA HIS A 357 -14.36 4.43 25.43
C HIS A 357 -15.27 3.20 25.49
N PRO A 358 -16.07 3.06 26.55
CA PRO A 358 -16.94 1.88 26.70
C PRO A 358 -17.90 1.75 25.54
N GLY A 359 -18.25 0.51 25.23
CA GLY A 359 -19.10 0.27 24.11
C GLY A 359 -18.36 0.16 22.81
N THR A 360 -17.04 -0.04 22.83
CA THR A 360 -16.22 -0.13 21.62
C THR A 360 -15.87 -1.58 21.35
N HIS A 361 -16.06 -1.99 20.11
CA HIS A 361 -15.50 -3.26 19.66
C HIS A 361 -14.77 -2.97 18.37
N VAL A 362 -13.50 -3.34 18.30
CA VAL A 362 -12.68 -3.17 17.12
C VAL A 362 -12.69 -4.52 16.41
N TRP A 363 -13.10 -4.51 15.13
CA TRP A 363 -13.11 -5.72 14.33
C TRP A 363 -11.77 -6.45 14.39
N PRO A 364 -11.73 -7.79 14.30
CA PRO A 364 -10.48 -8.44 13.96
C PRO A 364 -9.85 -7.76 12.77
N HIS A 365 -8.55 -7.50 12.87
CA HIS A 365 -7.84 -6.84 11.76
C HIS A 365 -6.36 -7.13 11.91
N THR A 366 -5.65 -6.72 10.88
N THR A 366 -5.64 -6.78 10.87
CA THR A 366 -4.23 -6.92 10.70
CA THR A 366 -4.21 -6.88 10.83
C THR A 366 -3.64 -5.58 10.27
C THR A 366 -3.66 -5.55 10.35
N GLY A 367 -2.45 -5.22 10.80
CA GLY A 367 -1.73 -4.07 10.27
C GLY A 367 -1.06 -4.45 8.95
N PRO A 368 -0.42 -3.48 8.30
CA PRO A 368 0.01 -3.72 6.92
C PRO A 368 1.33 -4.46 6.76
N THR A 369 2.13 -4.62 7.82
CA THR A 369 3.55 -5.00 7.65
C THR A 369 4.04 -5.87 8.81
N ASN A 370 4.81 -6.92 8.49
CA ASN A 370 5.49 -7.66 9.57
C ASN A 370 6.81 -7.00 10.03
N CYS A 371 7.12 -5.79 9.58
CA CYS A 371 8.40 -5.17 9.87
C CYS A 371 8.41 -4.38 11.18
N ARG A 372 7.30 -4.33 11.90
CA ARG A 372 7.26 -3.61 13.16
C ARG A 372 6.69 -4.52 14.22
N LEU A 373 6.98 -4.21 15.50
CA LEU A 373 6.26 -4.78 16.64
C LEU A 373 5.64 -3.58 17.37
N ARG A 374 4.52 -3.82 18.02
CA ARG A 374 3.70 -2.74 18.60
C ARG A 374 3.74 -2.88 20.12
N MET A 375 4.29 -1.88 20.80
CA MET A 375 4.24 -1.80 22.25
C MET A 375 3.04 -0.97 22.66
N HIS A 376 2.39 -1.41 23.75
CA HIS A 376 1.34 -0.66 24.42
C HIS A 376 1.80 -0.41 25.86
N LEU A 377 1.88 0.87 26.25
CA LEU A 377 2.08 1.23 27.65
C LEU A 377 0.73 1.58 28.27
N GLY A 378 0.33 0.89 29.35
CA GLY A 378 -0.97 1.22 29.98
C GLY A 378 -0.87 2.54 30.70
N LEU A 379 -1.84 3.45 30.49
CA LEU A 379 -1.80 4.73 31.19
C LEU A 379 -3.00 4.89 32.14
N VAL A 380 -4.22 4.70 31.62
CA VAL A 380 -5.45 4.68 32.42
C VAL A 380 -6.18 3.42 31.98
N ILE A 381 -6.20 2.42 32.85
CA ILE A 381 -6.73 1.11 32.48
C ILE A 381 -7.81 0.79 33.51
N PRO A 382 -9.08 0.82 33.15
CA PRO A 382 -10.13 0.44 34.11
C PRO A 382 -9.90 -1.00 34.58
N LYS A 383 -10.30 -1.28 35.82
CA LYS A 383 -9.93 -2.58 36.36
C LYS A 383 -10.69 -3.72 35.68
N GLU A 384 -11.86 -3.44 35.09
CA GLU A 384 -12.61 -4.48 34.40
C GLU A 384 -13.05 -3.98 33.03
N GLY A 385 -13.17 -4.91 32.09
CA GLY A 385 -13.89 -4.63 30.87
C GLY A 385 -13.05 -4.43 29.63
N CYS A 386 -11.71 -4.33 29.73
CA CYS A 386 -10.86 -4.06 28.57
C CYS A 386 -10.01 -5.28 28.27
N LYS A 387 -10.03 -5.74 27.02
CA LYS A 387 -9.12 -6.83 26.69
C LYS A 387 -8.74 -6.79 25.21
N ILE A 388 -7.61 -7.42 24.90
CA ILE A 388 -7.05 -7.50 23.54
C ILE A 388 -6.69 -8.94 23.24
N ARG A 389 -7.23 -9.45 22.14
CA ARG A 389 -6.87 -10.73 21.57
C ARG A 389 -5.84 -10.54 20.47
N CYS A 390 -4.74 -11.30 20.51
CA CYS A 390 -3.88 -11.40 19.33
C CYS A 390 -3.74 -12.87 18.99
N ALA A 391 -4.09 -13.22 17.73
CA ALA A 391 -4.14 -14.62 17.32
C ALA A 391 -5.04 -15.38 18.28
N ASN A 392 -4.56 -16.47 18.89
CA ASN A 392 -5.46 -17.23 19.75
C ASN A 392 -5.39 -16.83 21.23
N GLU A 393 -4.75 -15.73 21.60
CA GLU A 393 -4.48 -15.47 23.01
C GLU A 393 -4.92 -14.08 23.40
N THR A 394 -5.69 -13.97 24.46
CA THR A 394 -6.25 -12.70 24.91
C THR A 394 -5.53 -12.29 26.17
N LYS A 395 -5.28 -10.97 26.29
CA LYS A 395 -4.54 -10.39 27.42
C LYS A 395 -5.25 -9.13 27.83
N THR A 396 -4.86 -8.61 28.99
CA THR A 396 -5.31 -7.31 29.43
C THR A 396 -4.10 -6.43 29.65
N TRP A 397 -4.36 -5.13 29.81
CA TRP A 397 -3.28 -4.19 30.09
C TRP A 397 -3.14 -3.92 31.59
N GLU A 398 -2.01 -3.29 31.96
CA GLU A 398 -1.84 -2.77 33.34
C GLU A 398 -1.26 -1.38 33.26
N GLU A 399 -1.71 -0.51 34.17
CA GLU A 399 -1.14 0.83 34.27
C GLU A 399 0.34 0.73 34.59
N GLY A 400 1.14 1.42 33.79
CA GLY A 400 2.59 1.52 34.01
C GLY A 400 3.37 0.37 33.44
N LYS A 401 2.71 -0.51 32.67
CA LYS A 401 3.35 -1.73 32.16
C LYS A 401 3.19 -1.79 30.65
N VAL A 402 4.21 -2.33 30.00
CA VAL A 402 4.23 -2.50 28.53
C VAL A 402 3.81 -3.92 28.16
N LEU A 403 2.90 -4.03 27.19
CA LEU A 403 2.55 -5.26 26.47
C LEU A 403 3.16 -5.13 25.08
N ILE A 404 3.64 -6.22 24.49
CA ILE A 404 4.20 -6.14 23.14
C ILE A 404 3.57 -7.23 22.25
N PHE A 405 2.99 -6.82 21.13
CA PHE A 405 2.46 -7.83 20.20
C PHE A 405 2.83 -7.48 18.78
N ASP A 406 2.77 -8.50 17.93
CA ASP A 406 3.01 -8.31 16.51
C ASP A 406 1.67 -8.07 15.84
N ASP A 407 1.40 -6.81 15.46
CA ASP A 407 0.06 -6.52 14.98
C ASP A 407 -0.13 -6.91 13.52
N SER A 408 0.87 -7.55 12.89
CA SER A 408 0.58 -8.23 11.62
C SER A 408 -0.18 -9.54 11.81
N PHE A 409 -0.29 -10.04 13.03
CA PHE A 409 -1.23 -11.09 13.36
C PHE A 409 -2.60 -10.50 13.61
N GLU A 410 -3.64 -11.23 13.20
CA GLU A 410 -5.01 -10.75 13.46
C GLU A 410 -5.22 -10.47 14.94
N HIS A 411 -5.78 -9.30 15.24
CA HIS A 411 -6.03 -8.96 16.63
C HIS A 411 -7.33 -8.18 16.73
N GLU A 412 -7.82 -8.05 17.97
CA GLU A 412 -9.20 -7.66 18.20
C GLU A 412 -9.28 -7.08 19.60
N VAL A 413 -10.09 -6.04 19.78
CA VAL A 413 -10.16 -5.35 21.08
C VAL A 413 -11.60 -5.09 21.47
N TRP A 414 -11.89 -5.20 22.78
CA TRP A 414 -13.17 -4.88 23.35
C TRP A 414 -12.95 -3.90 24.48
N GLN A 415 -13.82 -2.91 24.57
CA GLN A 415 -13.79 -1.91 25.67
C GLN A 415 -15.18 -1.90 26.24
N ASP A 416 -15.36 -2.60 27.38
CA ASP A 416 -16.68 -2.71 27.98
C ASP A 416 -16.60 -2.26 29.45
N ALA A 417 -15.75 -1.27 29.75
CA ALA A 417 -15.57 -0.75 31.10
C ALA A 417 -16.65 0.26 31.39
N SER A 418 -16.52 1.01 32.51
CA SER A 418 -17.42 2.12 32.83
C SER A 418 -16.75 3.47 32.76
N SER A 419 -15.59 3.55 32.08
CA SER A 419 -14.89 4.81 31.98
C SER A 419 -13.84 4.61 30.90
N PHE A 420 -13.13 5.70 30.55
CA PHE A 420 -12.22 5.67 29.38
C PHE A 420 -10.95 4.85 29.67
N GLN A 421 -10.34 4.37 28.58
CA GLN A 421 -9.05 3.68 28.59
C GLN A 421 -8.04 4.50 27.79
N LEU A 422 -6.87 4.76 28.36
CA LEU A 422 -5.85 5.52 27.67
C LEU A 422 -4.60 4.66 27.62
N ILE A 423 -4.00 4.51 26.42
CA ILE A 423 -2.74 3.78 26.31
C ILE A 423 -1.80 4.62 25.47
N PHE A 424 -0.52 4.31 25.53
CA PHE A 424 0.51 4.91 24.68
C PHE A 424 1.06 3.80 23.79
N ILE A 425 1.04 4.02 22.47
CA ILE A 425 1.42 3.01 21.48
C ILE A 425 2.77 3.39 20.92
N VAL A 426 3.73 2.45 20.95
CA VAL A 426 5.10 2.75 20.50
C VAL A 426 5.49 1.60 19.61
N ASP A 427 5.61 1.88 18.31
CA ASP A 427 6.05 0.89 17.32
C ASP A 427 7.57 0.86 17.26
N VAL A 428 8.10 -0.33 17.17
CA VAL A 428 9.54 -0.52 16.97
C VAL A 428 9.79 -1.37 15.72
N TRP A 429 10.93 -1.13 15.07
CA TRP A 429 11.40 -2.07 14.05
C TRP A 429 11.46 -3.49 14.59
N HIS A 430 11.06 -4.46 13.77
CA HIS A 430 11.27 -5.83 14.15
C HIS A 430 12.76 -6.02 14.47
N PRO A 431 13.11 -6.64 15.59
CA PRO A 431 14.53 -6.63 16.00
C PRO A 431 15.44 -7.37 15.03
N GLU A 432 14.93 -8.31 14.23
CA GLU A 432 15.81 -9.05 13.33
C GLU A 432 16.11 -8.29 12.05
N LEU A 433 15.54 -7.10 11.86
CA LEU A 433 15.86 -6.32 10.67
C LEU A 433 17.21 -5.64 10.83
N THR A 434 18.08 -5.82 9.81
CA THR A 434 19.41 -5.22 9.81
C THR A 434 19.32 -3.71 9.64
N PRO A 435 20.38 -2.98 10.02
CA PRO A 435 20.37 -1.54 9.78
C PRO A 435 20.19 -1.17 8.33
N GLN A 436 20.73 -1.97 7.40
CA GLN A 436 20.52 -1.71 5.99
C GLN A 436 19.03 -1.67 5.65
N GLN A 437 18.28 -2.68 6.13
CA GLN A 437 16.85 -2.75 5.83
C GLN A 437 16.12 -1.60 6.49
N ARG A 438 16.48 -1.26 7.72
CA ARG A 438 15.80 -0.14 8.37
C ARG A 438 16.05 1.17 7.64
N ARG A 439 17.14 1.27 6.87
CA ARG A 439 17.38 2.48 6.09
C ARG A 439 16.60 2.48 4.78
N SER A 440 16.37 1.30 4.19
CA SER A 440 15.97 1.19 2.80
C SER A 440 14.48 0.89 2.59
N LEU A 441 13.84 0.16 3.51
CA LEU A 441 12.43 -0.19 3.35
C LEU A 441 11.59 1.06 3.09
N PRO A 442 10.68 1.05 2.11
CA PRO A 442 9.76 2.17 1.93
C PRO A 442 8.91 2.36 3.19
N ALA A 443 8.68 3.63 3.53
CA ALA A 443 7.80 3.99 4.66
C ALA A 443 6.38 3.47 4.45
N ILE A 444 5.72 3.08 5.56
CA ILE A 444 4.29 2.75 5.54
C ILE A 444 3.61 3.54 6.68
N GLY B 14 -4.38 8.81 1.99
CA GLY B 14 -4.73 7.81 2.99
C GLY B 14 -3.58 6.86 3.28
N LYS B 15 -3.17 6.76 4.54
CA LYS B 15 -2.05 5.93 4.90
C LYS B 15 -2.60 4.69 5.62
N CYS B 16 -1.89 3.57 5.49
CA CYS B 16 -2.15 2.35 6.23
C CYS B 16 -1.42 2.48 7.57
N LYS B 17 -2.12 2.95 8.61
CA LYS B 17 -1.44 3.11 9.89
C LYS B 17 -1.66 1.90 10.77
N ASP B 18 -2.94 1.56 11.01
CA ASP B 18 -3.38 0.41 11.79
C ASP B 18 -3.87 -0.75 10.94
N GLY B 19 -4.25 -0.48 9.69
CA GLY B 19 -4.87 -1.50 8.86
C GLY B 19 -4.29 -1.58 7.46
N LEU B 20 -5.08 -2.18 6.56
CA LEU B 20 -4.59 -2.55 5.23
C LEU B 20 -5.65 -2.20 4.20
N GLY B 21 -6.33 -1.06 4.42
CA GLY B 21 -7.53 -0.67 3.70
C GLY B 21 -7.28 0.05 2.39
N GLU B 22 -6.09 0.60 2.20
CA GLU B 22 -5.77 1.32 0.97
C GLU B 22 -5.37 0.36 -0.12
N TYR B 23 -5.58 0.78 -1.38
CA TYR B 23 -5.14 -0.06 -2.50
C TYR B 23 -3.61 -0.26 -2.49
N THR B 24 -2.85 0.78 -2.21
CA THR B 24 -1.42 0.62 -1.97
C THR B 24 -1.07 1.42 -0.72
N CYS B 25 -0.12 0.89 0.05
CA CYS B 25 0.30 1.52 1.31
C CYS B 25 1.60 2.25 1.20
N THR B 26 2.32 2.10 0.07
CA THR B 26 3.57 2.83 -0.09
C THR B 26 3.47 3.85 -1.21
N SER B 27 4.43 4.78 -1.18
CA SER B 27 4.51 5.81 -2.20
C SER B 27 5.50 5.37 -3.28
N LEU B 28 5.28 5.85 -4.49
CA LEU B 28 6.13 5.46 -5.61
C LEU B 28 7.12 6.60 -5.87
N GLU B 29 8.43 6.31 -5.87
CA GLU B 29 9.42 7.36 -6.11
C GLU B 29 10.49 6.93 -7.11
N GLY B 30 10.14 6.05 -8.06
CA GLY B 30 11.10 5.61 -9.03
C GLY B 30 12.17 4.79 -8.37
N PHE B 31 13.38 4.90 -8.90
CA PHE B 31 14.56 4.18 -8.42
C PHE B 31 15.01 4.65 -7.03
#